data_4HIQ
#
_entry.id   4HIQ
#
_cell.length_a   42.727
_cell.length_b   84.839
_cell.length_c   63.910
_cell.angle_alpha   90.000
_cell.angle_beta   90.000
_cell.angle_gamma   90.000
#
_symmetry.space_group_name_H-M   'P 21 21 2'
#
loop_
_entity.id
_entity.type
_entity.pdbx_description
1 polymer Transthyretin
2 non-polymer '3-[3-(3,5-dimethyl-1H-pyrazol-4-yl)propoxy]-4-fluorobenzoic acid'
3 water water
#
_entity_poly.entity_id   1
_entity_poly.type   'polypeptide(L)'
_entity_poly.pdbx_seq_one_letter_code
;GPTGTGESKCPLMVKVLDAVRGSPAINVAVHVFRKAADDTWEPFASGKTSESGELHGLTTEEEFVEGIYKVEIDTKSYWK
ALGISPFHEHAEVVFTANDSGPRRYTIAALLSPYSYSTTAVITNPKE
;
_entity_poly.pdbx_strand_id   A,B
#
loop_
_chem_comp.id
_chem_comp.type
_chem_comp.name
_chem_comp.formula
16V non-polymer '3-[3-(3,5-dimethyl-1H-pyrazol-4-yl)propoxy]-4-fluorobenzoic acid' 'C15 H17 F N2 O3'
#
# COMPACT_ATOMS: atom_id res chain seq x y z
N CYS A 10 -8.26 -20.99 -3.96
CA CYS A 10 -8.06 -19.98 -5.06
C CYS A 10 -6.58 -19.64 -5.19
N PRO A 11 -6.02 -19.54 -6.43
CA PRO A 11 -4.62 -19.04 -6.49
C PRO A 11 -4.43 -17.66 -5.88
N LEU A 12 -5.42 -16.80 -6.07
CA LEU A 12 -5.33 -15.44 -5.55
C LEU A 12 -6.73 -15.03 -5.13
N MET A 13 -6.87 -14.65 -3.87
CA MET A 13 -8.15 -14.21 -3.33
C MET A 13 -7.87 -12.93 -2.55
N VAL A 14 -8.81 -12.00 -2.62
CA VAL A 14 -8.69 -10.72 -1.87
C VAL A 14 -9.91 -10.58 -0.99
N LYS A 15 -9.69 -10.23 0.27
CA LYS A 15 -10.78 -10.02 1.23
C LYS A 15 -10.61 -8.65 1.86
N VAL A 16 -11.69 -7.87 1.91
CA VAL A 16 -11.63 -6.51 2.41
C VAL A 16 -12.73 -6.30 3.45
N LEU A 17 -12.32 -5.71 4.57
CA LEU A 17 -13.19 -5.43 5.71
C LEU A 17 -13.22 -3.93 5.99
N ASP A 18 -14.34 -3.50 6.58
CA ASP A 18 -14.58 -2.09 6.90
C ASP A 18 -14.58 -1.91 8.42
N ALA A 19 -13.62 -1.15 8.90
CA ALA A 19 -13.41 -0.91 10.34
C ALA A 19 -14.35 0.12 10.95
N VAL A 20 -15.08 0.87 10.12
CA VAL A 20 -16.04 1.87 10.58
C VAL A 20 -17.41 1.23 10.77
N ARG A 21 -17.79 0.31 9.90
CA ARG A 21 -19.09 -0.33 9.97
CA ARG A 21 -19.07 -0.39 9.89
C ARG A 21 -19.05 -1.71 10.63
N GLY A 22 -17.88 -2.30 10.82
CA GLY A 22 -17.82 -3.65 11.38
C GLY A 22 -18.44 -4.67 10.47
N SER A 23 -18.04 -4.63 9.21
CA SER A 23 -18.67 -5.40 8.17
C SER A 23 -17.67 -5.74 7.09
N PRO A 24 -18.00 -6.66 6.20
CA PRO A 24 -17.25 -6.74 4.94
C PRO A 24 -17.32 -5.41 4.21
N ALA A 25 -16.28 -5.11 3.43
CA ALA A 25 -16.29 -3.97 2.53
C ALA A 25 -16.77 -4.51 1.19
N ILE A 26 -18.00 -4.15 0.84
CA ILE A 26 -18.65 -4.72 -0.34
CA ILE A 26 -18.72 -4.68 -0.30
C ILE A 26 -18.46 -3.80 -1.53
N ASN A 27 -18.36 -4.41 -2.71
CA ASN A 27 -18.28 -3.61 -3.94
CA ASN A 27 -18.24 -3.68 -3.95
C ASN A 27 -16.98 -2.80 -4.02
N VAL A 28 -15.90 -3.31 -3.46
CA VAL A 28 -14.61 -2.67 -3.58
C VAL A 28 -13.96 -3.14 -4.87
N ALA A 29 -13.55 -2.20 -5.72
CA ALA A 29 -12.86 -2.54 -6.96
C ALA A 29 -11.40 -2.85 -6.65
N VAL A 30 -10.88 -3.88 -7.30
CA VAL A 30 -9.52 -4.35 -7.13
C VAL A 30 -8.91 -4.58 -8.49
N HIS A 31 -7.74 -3.98 -8.73
CA HIS A 31 -7.00 -4.18 -9.97
C HIS A 31 -5.67 -4.78 -9.64
N VAL A 32 -5.33 -5.86 -10.35
CA VAL A 32 -4.03 -6.54 -10.18
C VAL A 32 -3.22 -6.24 -11.43
N PHE A 33 -1.95 -5.92 -11.20
CA PHE A 33 -0.96 -5.66 -12.25
C PHE A 33 0.20 -6.60 -12.08
N ARG A 34 0.92 -6.87 -13.15
CA ARG A 34 2.13 -7.67 -13.11
C ARG A 34 3.23 -6.92 -13.84
N LYS A 35 4.41 -6.88 -13.24
CA LYS A 35 5.50 -6.17 -13.84
CA LYS A 35 5.53 -6.18 -13.85
C LYS A 35 6.00 -6.91 -15.09
N ALA A 36 6.06 -6.19 -16.20
CA ALA A 36 6.51 -6.75 -17.49
C ALA A 36 8.01 -6.67 -17.56
N ALA A 37 8.55 -7.30 -18.60
CA ALA A 37 9.97 -7.35 -18.88
C ALA A 37 10.58 -5.98 -19.06
N ASP A 38 9.78 -5.01 -19.50
CA ASP A 38 10.22 -3.63 -19.68
C ASP A 38 10.00 -2.76 -18.46
N ASP A 39 9.65 -3.38 -17.33
CA ASP A 39 9.49 -2.71 -16.03
C ASP A 39 8.21 -1.90 -15.88
N THR A 40 7.31 -1.99 -16.83
CA THR A 40 6.00 -1.35 -16.70
C THR A 40 5.02 -2.30 -16.01
N TRP A 41 3.95 -1.72 -15.50
CA TRP A 41 2.92 -2.49 -14.83
C TRP A 41 1.81 -2.83 -15.80
N GLU A 42 1.70 -4.08 -16.17
CA GLU A 42 0.72 -4.57 -17.13
CA GLU A 42 0.70 -4.50 -17.14
C GLU A 42 -0.53 -4.97 -16.39
N PRO A 43 -1.72 -4.60 -16.90
CA PRO A 43 -2.95 -5.07 -16.28
C PRO A 43 -3.01 -6.60 -16.34
N PHE A 44 -3.30 -7.21 -15.20
CA PHE A 44 -3.33 -8.66 -15.07
C PHE A 44 -4.73 -9.25 -14.81
N ALA A 45 -5.48 -8.65 -13.88
CA ALA A 45 -6.85 -9.10 -13.59
C ALA A 45 -7.53 -7.99 -12.81
N SER A 46 -8.86 -8.00 -12.77
CA SER A 46 -9.57 -7.09 -11.91
C SER A 46 -10.92 -7.68 -11.54
N GLY A 47 -11.55 -7.09 -10.53
CA GLY A 47 -12.85 -7.55 -10.08
C GLY A 47 -13.32 -6.68 -8.94
N LYS A 48 -14.40 -7.10 -8.32
CA LYS A 48 -15.07 -6.35 -7.22
CA LYS A 48 -14.80 -6.35 -7.13
C LYS A 48 -15.32 -7.31 -6.07
N THR A 49 -15.24 -6.84 -4.84
CA THR A 49 -15.63 -7.69 -3.71
C THR A 49 -17.14 -7.90 -3.66
N SER A 50 -17.51 -9.09 -3.23
CA SER A 50 -18.86 -9.52 -3.06
C SER A 50 -19.47 -9.00 -1.75
N GLU A 51 -20.68 -9.46 -1.46
CA GLU A 51 -21.39 -9.19 -0.19
CA GLU A 51 -21.33 -9.08 -0.20
C GLU A 51 -20.60 -9.64 1.04
N SER A 52 -19.73 -10.65 0.85
CA SER A 52 -18.92 -11.16 1.94
C SER A 52 -17.56 -10.44 2.04
N GLY A 53 -17.33 -9.45 1.19
CA GLY A 53 -16.05 -8.78 1.17
C GLY A 53 -14.96 -9.53 0.42
N GLU A 54 -15.31 -10.61 -0.28
CA GLU A 54 -14.32 -11.49 -0.94
C GLU A 54 -14.37 -11.32 -2.43
N LEU A 55 -13.22 -11.52 -3.05
CA LEU A 55 -13.07 -11.48 -4.49
C LEU A 55 -12.29 -12.71 -4.88
N HIS A 56 -13.00 -13.60 -5.55
CA HIS A 56 -12.54 -14.87 -6.05
C HIS A 56 -12.49 -14.78 -7.60
N GLY A 57 -11.83 -15.74 -8.20
CA GLY A 57 -11.88 -15.85 -9.64
C GLY A 57 -10.99 -14.89 -10.42
N LEU A 58 -10.02 -14.24 -9.78
CA LEU A 58 -9.17 -13.31 -10.50
C LEU A 58 -8.29 -14.00 -11.52
N THR A 59 -7.74 -15.18 -11.20
CA THR A 59 -6.80 -15.80 -12.08
C THR A 59 -6.86 -17.29 -11.96
N THR A 60 -5.95 -17.96 -12.64
CA THR A 60 -5.88 -19.42 -12.69
C THR A 60 -4.44 -19.83 -12.34
N GLU A 61 -4.22 -21.09 -11.95
N GLU A 61 -4.29 -21.09 -11.96
CA GLU A 61 -2.82 -21.51 -11.69
CA GLU A 61 -2.97 -21.67 -11.74
C GLU A 61 -1.97 -21.47 -12.96
C GLU A 61 -2.07 -21.39 -12.93
N GLU A 62 -2.55 -21.70 -14.13
CA GLU A 62 -1.73 -21.55 -15.34
C GLU A 62 -1.30 -20.14 -15.55
N GLU A 63 -2.24 -19.19 -15.41
CA GLU A 63 -1.97 -17.80 -15.76
CA GLU A 63 -1.88 -17.85 -15.79
C GLU A 63 -1.12 -17.11 -14.71
N PHE A 64 -1.24 -17.55 -13.45
CA PHE A 64 -0.59 -16.88 -12.32
C PHE A 64 0.83 -17.40 -12.19
N VAL A 65 1.68 -16.98 -13.12
CA VAL A 65 3.06 -17.39 -13.20
C VAL A 65 3.90 -16.60 -12.19
N GLU A 66 5.16 -16.96 -12.07
CA GLU A 66 6.14 -16.14 -11.34
CA GLU A 66 6.07 -16.16 -11.27
C GLU A 66 6.09 -14.71 -11.78
N GLY A 67 6.26 -13.78 -10.87
CA GLY A 67 6.39 -12.40 -11.25
C GLY A 67 6.23 -11.51 -10.04
N ILE A 68 6.34 -10.22 -10.29
CA ILE A 68 6.06 -9.19 -9.29
C ILE A 68 4.68 -8.66 -9.58
N TYR A 69 3.80 -8.79 -8.59
CA TYR A 69 2.40 -8.42 -8.72
C TYR A 69 2.10 -7.25 -7.80
N LYS A 70 1.19 -6.40 -8.26
CA LYS A 70 0.64 -5.29 -7.49
C LYS A 70 -0.86 -5.47 -7.42
N VAL A 71 -1.36 -5.62 -6.21
CA VAL A 71 -2.81 -5.66 -5.94
C VAL A 71 -3.18 -4.27 -5.46
N GLU A 72 -3.97 -3.56 -6.28
CA GLU A 72 -4.43 -2.21 -6.01
CA GLU A 72 -4.41 -2.20 -5.97
C GLU A 72 -5.89 -2.27 -5.58
N ILE A 73 -6.14 -1.91 -4.33
CA ILE A 73 -7.48 -1.92 -3.77
C ILE A 73 -7.99 -0.49 -3.82
N ASP A 74 -9.09 -0.27 -4.50
CA ASP A 74 -9.54 1.10 -4.79
C ASP A 74 -10.34 1.66 -3.62
N THR A 75 -9.63 1.98 -2.58
CA THR A 75 -10.21 2.42 -1.32
C THR A 75 -10.88 3.79 -1.47
N LYS A 76 -10.29 4.71 -2.23
CA LYS A 76 -10.94 6.02 -2.32
CA LYS A 76 -10.91 6.03 -2.40
C LYS A 76 -12.27 5.87 -3.04
N SER A 77 -12.32 5.09 -4.12
CA SER A 77 -13.56 4.89 -4.83
C SER A 77 -14.60 4.27 -3.89
N TYR A 78 -14.17 3.33 -3.03
CA TYR A 78 -15.07 2.71 -2.07
C TYR A 78 -15.66 3.71 -1.08
N TRP A 79 -14.80 4.51 -0.47
CA TRP A 79 -15.26 5.48 0.52
C TRP A 79 -16.13 6.58 -0.14
N LYS A 80 -15.70 7.06 -1.31
CA LYS A 80 -16.48 8.08 -2.00
C LYS A 80 -17.87 7.57 -2.37
N ALA A 81 -17.96 6.31 -2.78
CA ALA A 81 -19.28 5.74 -3.08
C ALA A 81 -20.20 5.69 -1.85
N LEU A 82 -19.62 5.68 -0.66
CA LEU A 82 -20.30 5.79 0.63
C LEU A 82 -20.47 7.23 1.09
N GLY A 83 -20.03 8.18 0.28
CA GLY A 83 -20.16 9.60 0.57
C GLY A 83 -19.13 10.15 1.55
N ILE A 84 -18.01 9.44 1.76
CA ILE A 84 -16.95 9.78 2.73
C ILE A 84 -15.72 10.20 1.93
N SER A 85 -15.06 11.25 2.39
CA SER A 85 -13.83 11.79 1.78
C SER A 85 -12.60 11.17 2.50
N PRO A 86 -11.91 10.19 1.91
CA PRO A 86 -10.83 9.51 2.63
C PRO A 86 -9.47 10.09 2.28
N PHE A 87 -8.44 9.63 2.97
CA PHE A 87 -7.08 10.11 2.77
C PHE A 87 -6.37 9.49 1.57
N HIS A 88 -6.39 8.18 1.48
CA HIS A 88 -5.58 7.47 0.50
C HIS A 88 -6.32 7.39 -0.81
N GLU A 89 -5.51 7.31 -1.88
CA GLU A 89 -6.04 7.03 -3.22
C GLU A 89 -6.44 5.58 -3.36
N HIS A 90 -5.60 4.71 -2.86
CA HIS A 90 -5.81 3.26 -2.96
C HIS A 90 -4.93 2.59 -1.93
N ALA A 91 -5.05 1.30 -1.73
CA ALA A 91 -4.14 0.51 -0.85
C ALA A 91 -3.47 -0.45 -1.80
N GLU A 92 -2.15 -0.52 -1.67
CA GLU A 92 -1.28 -1.32 -2.56
CA GLU A 92 -1.35 -1.36 -2.56
C GLU A 92 -0.67 -2.46 -1.80
N VAL A 93 -0.61 -3.60 -2.45
CA VAL A 93 0.19 -4.69 -1.95
C VAL A 93 1.04 -5.15 -3.15
N VAL A 94 2.36 -5.02 -3.02
CA VAL A 94 3.29 -5.34 -4.10
C VAL A 94 4.22 -6.46 -3.59
N PHE A 95 4.28 -7.58 -4.32
CA PHE A 95 4.99 -8.77 -3.86
C PHE A 95 5.40 -9.64 -5.01
N THR A 96 6.48 -10.37 -4.82
CA THR A 96 6.85 -11.44 -5.73
C THR A 96 6.01 -12.67 -5.41
N ALA A 97 5.44 -13.30 -6.42
CA ALA A 97 4.63 -14.51 -6.25
C ALA A 97 5.20 -15.67 -7.01
N ASN A 98 4.97 -16.88 -6.46
CA ASN A 98 5.21 -18.16 -7.16
C ASN A 98 6.64 -18.41 -7.54
N ASP A 99 7.57 -17.78 -6.83
CA ASP A 99 8.97 -17.91 -7.20
C ASP A 99 9.63 -19.18 -6.64
N SER A 100 8.90 -19.91 -5.81
CA SER A 100 9.31 -21.22 -5.29
C SER A 100 8.24 -22.22 -5.67
N GLY A 101 7.63 -22.01 -6.82
CA GLY A 101 6.55 -22.84 -7.26
C GLY A 101 5.22 -22.23 -6.89
N PRO A 102 4.14 -22.83 -7.37
CA PRO A 102 2.82 -22.29 -7.17
C PRO A 102 2.44 -22.22 -5.68
N ARG A 103 1.82 -21.11 -5.29
CA ARG A 103 1.27 -20.97 -3.95
C ARG A 103 -0.10 -20.35 -4.10
N ARG A 104 -0.91 -20.48 -3.07
CA ARG A 104 -2.20 -19.80 -2.98
C ARG A 104 -2.07 -18.63 -2.02
N TYR A 105 -2.48 -17.47 -2.51
CA TYR A 105 -2.35 -16.23 -1.78
C TYR A 105 -3.70 -15.66 -1.45
N THR A 106 -3.91 -15.28 -0.20
CA THR A 106 -5.01 -14.44 0.23
C THR A 106 -4.43 -13.14 0.68
N ILE A 107 -4.92 -12.06 0.10
CA ILE A 107 -4.54 -10.71 0.49
C ILE A 107 -5.75 -10.12 1.21
N ALA A 108 -5.58 -9.80 2.48
CA ALA A 108 -6.65 -9.19 3.28
C ALA A 108 -6.32 -7.76 3.56
N ALA A 109 -7.34 -6.92 3.59
CA ALA A 109 -7.20 -5.52 3.91
C ALA A 109 -8.31 -5.09 4.85
N LEU A 110 -7.98 -4.16 5.75
CA LEU A 110 -8.91 -3.63 6.76
C LEU A 110 -8.87 -2.09 6.62
N LEU A 111 -10.02 -1.49 6.31
CA LEU A 111 -10.05 -0.10 5.89
C LEU A 111 -10.70 0.82 6.92
N SER A 112 -10.07 1.98 7.08
CA SER A 112 -10.66 3.15 7.75
C SER A 112 -10.42 4.37 6.84
N PRO A 113 -11.11 5.49 7.08
CA PRO A 113 -10.92 6.61 6.15
C PRO A 113 -9.49 7.15 6.07
N TYR A 114 -8.76 7.13 7.18
CA TYR A 114 -7.40 7.65 7.17
C TYR A 114 -6.34 6.58 7.45
N SER A 115 -6.68 5.29 7.35
CA SER A 115 -5.75 4.24 7.68
CA SER A 115 -5.72 4.23 7.64
C SER A 115 -6.15 2.95 6.99
N TYR A 116 -5.17 2.07 6.74
CA TYR A 116 -5.48 0.73 6.37
C TYR A 116 -4.39 -0.20 6.86
N SER A 117 -4.74 -1.47 6.97
CA SER A 117 -3.83 -2.57 7.26
CA SER A 117 -3.75 -2.50 7.16
C SER A 117 -4.02 -3.63 6.18
N THR A 118 -2.94 -4.35 5.86
CA THR A 118 -3.06 -5.53 4.97
CA THR A 118 -3.02 -5.45 4.95
C THR A 118 -2.17 -6.62 5.49
N THR A 119 -2.58 -7.84 5.18
CA THR A 119 -1.75 -9.00 5.45
C THR A 119 -1.90 -10.01 4.33
N ALA A 120 -0.97 -10.95 4.28
CA ALA A 120 -0.99 -12.05 3.34
C ALA A 120 -1.06 -13.37 4.09
N VAL A 121 -1.85 -14.29 3.55
CA VAL A 121 -1.89 -15.69 4.00
C VAL A 121 -1.52 -16.53 2.80
N ILE A 122 -0.44 -17.31 2.92
CA ILE A 122 0.10 -18.05 1.81
C ILE A 122 0.10 -19.50 2.18
N THR A 123 -0.49 -20.32 1.33
CA THR A 123 -0.50 -21.76 1.55
C THR A 123 0.06 -22.48 0.33
N ASN A 124 0.58 -23.66 0.58
CA ASN A 124 1.17 -24.50 -0.45
C ASN A 124 0.23 -25.66 -0.75
N PRO A 125 -0.33 -25.70 -1.98
CA PRO A 125 -1.24 -26.79 -2.32
C PRO A 125 -0.51 -28.13 -2.55
N CYS B 10 9.05 19.85 7.26
CA CYS B 10 8.03 20.80 7.80
C CYS B 10 6.57 20.29 7.58
N PRO B 11 6.05 20.32 6.34
CA PRO B 11 4.68 19.87 6.17
C PRO B 11 4.51 18.36 6.04
N LEU B 12 5.58 17.60 5.91
CA LEU B 12 5.48 16.16 5.71
C LEU B 12 6.52 15.45 6.55
N MET B 13 6.12 14.50 7.37
CA MET B 13 7.04 13.68 8.15
C MET B 13 6.61 12.24 7.97
N VAL B 14 7.59 11.35 7.89
CA VAL B 14 7.32 9.91 7.79
C VAL B 14 7.95 9.20 8.99
N LYS B 15 7.19 8.31 9.62
CA LYS B 15 7.66 7.56 10.76
C LYS B 15 7.41 6.09 10.52
N VAL B 16 8.44 5.29 10.76
CA VAL B 16 8.37 3.84 10.46
C VAL B 16 8.77 3.05 11.68
N LEU B 17 7.92 2.10 12.03
CA LEU B 17 8.08 1.25 13.20
C LEU B 17 8.14 -0.22 12.81
N ASP B 18 8.80 -1.01 13.66
CA ASP B 18 9.03 -2.43 13.45
C ASP B 18 8.23 -3.22 14.51
N ALA B 19 7.27 -3.99 14.04
CA ALA B 19 6.36 -4.78 14.90
C ALA B 19 6.97 -6.10 15.35
N VAL B 20 8.08 -6.52 14.75
CA VAL B 20 8.76 -7.76 15.13
C VAL B 20 9.65 -7.51 16.32
N ARG B 21 10.38 -6.41 16.28
CA ARG B 21 11.35 -6.09 17.32
C ARG B 21 10.89 -5.09 18.32
N GLY B 22 9.76 -4.43 18.04
CA GLY B 22 9.25 -3.44 18.98
C GLY B 22 10.13 -2.22 19.06
N SER B 23 10.47 -1.64 17.92
CA SER B 23 11.47 -0.60 17.85
C SER B 23 11.13 0.30 16.68
N PRO B 24 11.78 1.46 16.61
CA PRO B 24 11.76 2.19 15.37
C PRO B 24 12.39 1.36 14.27
N ALA B 25 11.99 1.60 13.05
CA ALA B 25 12.64 1.01 11.87
C ALA B 25 13.68 2.02 11.39
N ILE B 26 14.95 1.73 11.68
CA ILE B 26 16.05 2.64 11.47
C ILE B 26 16.70 2.37 10.12
N ASN B 27 17.13 3.45 9.46
CA ASN B 27 17.87 3.39 8.20
CA ASN B 27 17.86 3.37 8.20
C ASN B 27 17.05 2.75 7.09
N VAL B 28 15.76 3.03 7.07
CA VAL B 28 14.88 2.59 6.00
C VAL B 28 14.85 3.68 4.93
N ALA B 29 15.08 3.29 3.68
CA ALA B 29 14.99 4.24 2.57
C ALA B 29 13.53 4.54 2.27
N VAL B 30 13.25 5.82 2.11
CA VAL B 30 11.91 6.33 1.82
C VAL B 30 12.02 7.28 0.63
N HIS B 31 11.21 7.03 -0.40
CA HIS B 31 11.17 7.89 -1.56
C HIS B 31 9.77 8.44 -1.72
N VAL B 32 9.69 9.75 -1.95
CA VAL B 32 8.44 10.44 -2.23
C VAL B 32 8.42 10.86 -3.69
N PHE B 33 7.29 10.63 -4.33
CA PHE B 33 7.03 11.00 -5.72
C PHE B 33 5.79 11.87 -5.77
N ARG B 34 5.75 12.74 -6.76
CA ARG B 34 4.59 13.55 -7.09
CA ARG B 34 4.52 13.47 -7.05
C ARG B 34 4.01 13.11 -8.44
N LYS B 35 2.71 12.94 -8.54
CA LYS B 35 2.08 12.55 -9.80
C LYS B 35 2.12 13.74 -10.77
N ALA B 36 2.73 13.51 -11.92
CA ALA B 36 2.79 14.53 -12.98
C ALA B 36 1.51 14.53 -13.81
N ALA B 37 1.37 15.55 -14.67
CA ALA B 37 0.17 15.70 -15.51
C ALA B 37 -0.07 14.52 -16.45
N ASP B 38 1.00 13.87 -16.90
CA ASP B 38 0.92 12.67 -17.75
C ASP B 38 0.77 11.35 -16.99
N ASP B 39 0.45 11.44 -15.70
CA ASP B 39 0.22 10.30 -14.82
C ASP B 39 1.45 9.50 -14.44
N THR B 40 2.64 10.00 -14.74
CA THR B 40 3.85 9.35 -14.26
C THR B 40 4.20 9.88 -12.86
N TRP B 41 5.06 9.13 -12.18
CA TRP B 41 5.51 9.48 -10.84
C TRP B 41 6.86 10.16 -10.91
N GLU B 42 6.92 11.43 -10.58
CA GLU B 42 8.18 12.12 -10.63
C GLU B 42 8.85 12.19 -9.26
N PRO B 43 10.15 11.88 -9.18
CA PRO B 43 10.81 11.99 -7.89
C PRO B 43 10.61 13.37 -7.29
N PHE B 44 10.40 13.38 -5.99
CA PHE B 44 10.08 14.59 -5.23
C PHE B 44 11.02 14.83 -4.06
N ALA B 45 11.26 13.78 -3.24
CA ALA B 45 12.15 13.92 -2.07
C ALA B 45 12.47 12.49 -1.60
N SER B 46 13.57 12.34 -0.86
CA SER B 46 13.87 11.04 -0.31
C SER B 46 14.82 11.16 0.87
N GLY B 47 15.00 10.07 1.59
CA GLY B 47 15.94 10.03 2.69
C GLY B 47 15.88 8.69 3.36
N LYS B 48 16.58 8.60 4.49
CA LYS B 48 16.63 7.38 5.31
CA LYS B 48 16.53 7.38 5.29
C LYS B 48 16.08 7.72 6.69
N THR B 49 15.28 6.84 7.28
CA THR B 49 14.82 7.09 8.64
C THR B 49 15.99 7.12 9.62
N SER B 50 15.83 7.94 10.62
CA SER B 50 16.79 8.17 11.68
C SER B 50 16.71 7.06 12.74
N GLU B 51 17.49 7.22 13.80
CA GLU B 51 17.43 6.32 14.94
C GLU B 51 16.07 6.27 15.64
N SER B 52 15.26 7.30 15.44
CA SER B 52 13.91 7.33 16.02
C SER B 52 12.87 6.80 15.05
N GLY B 53 13.29 6.33 13.88
CA GLY B 53 12.38 5.85 12.86
C GLY B 53 11.72 6.95 12.04
N GLU B 54 12.20 8.19 12.22
CA GLU B 54 11.58 9.36 11.62
C GLU B 54 12.41 9.89 10.48
N LEU B 55 11.72 10.50 9.52
CA LEU B 55 12.35 11.17 8.42
C LEU B 55 11.72 12.54 8.32
N HIS B 56 12.53 13.53 8.68
CA HIS B 56 12.17 14.93 8.70
C HIS B 56 12.85 15.62 7.53
N GLY B 57 12.38 16.81 7.22
CA GLY B 57 13.06 17.65 6.27
C GLY B 57 12.86 17.28 4.82
N LEU B 58 11.85 16.46 4.52
CA LEU B 58 11.64 16.06 3.13
C LEU B 58 11.32 17.21 2.20
N THR B 59 10.51 18.15 2.68
CA THR B 59 10.03 19.22 1.81
C THR B 59 9.77 20.48 2.63
N THR B 60 9.33 21.50 1.93
CA THR B 60 8.97 22.77 2.55
C THR B 60 7.53 23.07 2.19
N GLU B 61 6.95 24.01 2.92
CA GLU B 61 5.60 24.42 2.60
C GLU B 61 5.50 24.94 1.17
N GLU B 62 6.50 25.70 0.74
CA GLU B 62 6.43 26.27 -0.62
C GLU B 62 6.40 25.19 -1.71
N GLU B 63 7.15 24.12 -1.49
CA GLU B 63 7.27 23.05 -2.50
C GLU B 63 6.09 22.06 -2.49
N PHE B 64 5.46 21.89 -1.35
CA PHE B 64 4.48 20.83 -1.14
C PHE B 64 3.08 21.30 -1.50
N VAL B 65 2.84 21.47 -2.78
CA VAL B 65 1.58 21.94 -3.29
C VAL B 65 0.56 20.80 -3.35
N GLU B 66 -0.70 21.17 -3.51
CA GLU B 66 -1.76 20.18 -3.68
C GLU B 66 -1.44 19.25 -4.83
N GLY B 67 -1.84 18.00 -4.68
CA GLY B 67 -1.62 17.01 -5.69
C GLY B 67 -1.59 15.63 -5.08
N ILE B 68 -1.36 14.65 -5.90
CA ILE B 68 -1.24 13.27 -5.47
C ILE B 68 0.24 12.94 -5.29
N TYR B 69 0.54 12.35 -4.14
CA TYR B 69 1.91 11.95 -3.78
C TYR B 69 1.93 10.46 -3.44
N LYS B 70 3.09 9.86 -3.68
CA LYS B 70 3.32 8.47 -3.30
CA LYS B 70 3.34 8.47 -3.32
C LYS B 70 4.56 8.44 -2.43
N VAL B 71 4.44 7.80 -1.28
CA VAL B 71 5.57 7.53 -0.39
C VAL B 71 5.86 6.04 -0.51
N GLU B 72 7.06 5.71 -0.99
CA GLU B 72 7.51 4.30 -1.13
CA GLU B 72 7.48 4.33 -1.11
C GLU B 72 8.53 4.06 -0.04
N ILE B 73 8.29 3.03 0.75
CA ILE B 73 9.15 2.68 1.89
C ILE B 73 9.83 1.37 1.49
N ASP B 74 11.15 1.34 1.52
CA ASP B 74 11.91 0.16 1.06
CA ASP B 74 11.87 0.19 1.02
C ASP B 74 12.00 -0.89 2.15
N THR B 75 10.88 -1.56 2.38
CA THR B 75 10.77 -2.54 3.41
C THR B 75 11.58 -3.81 3.14
N LYS B 76 11.72 -4.17 1.88
CA LYS B 76 12.43 -5.39 1.53
C LYS B 76 13.89 -5.32 2.00
N SER B 77 14.57 -4.21 1.70
CA SER B 77 15.96 -4.04 2.14
C SER B 77 16.07 -4.03 3.64
N TYR B 78 15.08 -3.40 4.29
CA TYR B 78 15.09 -3.37 5.74
C TYR B 78 15.11 -4.76 6.35
N TRP B 79 14.17 -5.59 5.93
CA TRP B 79 14.06 -6.93 6.46
C TRP B 79 15.29 -7.76 6.11
N LYS B 80 15.78 -7.63 4.89
CA LYS B 80 16.92 -8.45 4.51
C LYS B 80 18.16 -8.08 5.34
N ALA B 81 18.35 -6.83 5.69
CA ALA B 81 19.50 -6.39 6.50
C ALA B 81 19.43 -6.96 7.91
N LEU B 82 18.25 -7.39 8.32
CA LEU B 82 18.01 -8.03 9.59
C LEU B 82 17.99 -9.54 9.48
N GLY B 83 18.23 -10.06 8.29
CA GLY B 83 18.23 -11.50 8.09
C GLY B 83 16.87 -12.15 7.92
N ILE B 84 15.84 -11.34 7.62
CA ILE B 84 14.48 -11.86 7.53
C ILE B 84 13.98 -11.79 6.09
N SER B 85 13.35 -12.86 5.60
CA SER B 85 12.75 -12.88 4.28
C SER B 85 11.33 -12.20 4.36
N PRO B 86 11.08 -11.10 3.68
CA PRO B 86 9.75 -10.47 3.71
C PRO B 86 8.89 -10.70 2.48
N PHE B 87 7.63 -10.41 2.61
CA PHE B 87 6.72 -10.68 1.54
C PHE B 87 6.74 -9.55 0.47
N HIS B 88 6.71 -8.31 0.93
CA HIS B 88 6.45 -7.19 0.04
C HIS B 88 7.71 -6.62 -0.60
N GLU B 89 7.63 -6.20 -1.87
CA GLU B 89 8.72 -5.51 -2.54
C GLU B 89 9.04 -4.17 -1.89
N HIS B 90 8.00 -3.48 -1.47
CA HIS B 90 8.06 -2.21 -0.79
C HIS B 90 6.68 -1.95 -0.25
N ALA B 91 6.55 -0.94 0.58
CA ALA B 91 5.25 -0.48 1.02
C ALA B 91 5.00 0.86 0.34
N GLU B 92 3.74 1.11 0.07
N GLU B 92 3.77 1.14 -0.03
CA GLU B 92 3.30 2.30 -0.62
CA GLU B 92 3.45 2.43 -0.67
C GLU B 92 2.32 3.05 0.26
C GLU B 92 2.27 3.06 -0.02
N VAL B 93 2.35 4.38 0.14
CA VAL B 93 1.26 5.18 0.69
C VAL B 93 0.98 6.26 -0.34
N VAL B 94 -0.22 6.24 -0.91
CA VAL B 94 -0.58 7.13 -2.03
C VAL B 94 -1.76 7.97 -1.55
N PHE B 95 -1.63 9.28 -1.62
CA PHE B 95 -2.64 10.18 -1.04
C PHE B 95 -2.65 11.50 -1.77
N THR B 96 -3.72 12.25 -1.56
CA THR B 96 -3.81 13.63 -2.05
C THR B 96 -3.54 14.63 -0.95
N ALA B 97 -2.64 15.57 -1.20
CA ALA B 97 -2.44 16.73 -0.33
C ALA B 97 -3.54 17.75 -0.66
N ASN B 98 -4.23 18.25 0.37
CA ASN B 98 -5.39 19.16 0.25
CA ASN B 98 -5.37 19.19 0.23
C ASN B 98 -5.19 20.38 1.14
N ASP B 99 -5.16 21.58 0.57
CA ASP B 99 -4.97 22.79 1.36
C ASP B 99 -6.17 23.13 2.30
N SER B 100 -7.34 22.60 2.00
CA SER B 100 -8.56 22.81 2.80
C SER B 100 -8.49 22.08 4.16
N GLY B 101 -7.62 21.07 4.26
CA GLY B 101 -7.39 20.34 5.52
C GLY B 101 -6.24 20.94 6.32
N PRO B 102 -5.91 20.32 7.47
CA PRO B 102 -4.81 20.80 8.30
C PRO B 102 -3.47 20.71 7.57
N ARG B 103 -2.45 21.29 8.16
CA ARG B 103 -1.28 21.76 7.46
CA ARG B 103 -1.32 21.69 7.38
C ARG B 103 -0.05 20.90 7.66
N ARG B 104 -0.05 19.98 8.64
CA ARG B 104 1.12 19.11 8.78
C ARG B 104 0.66 17.66 8.64
N TYR B 105 1.33 16.94 7.74
CA TYR B 105 1.03 15.52 7.50
C TYR B 105 2.10 14.63 8.09
N THR B 106 1.70 13.71 8.97
CA THR B 106 2.56 12.64 9.39
C THR B 106 2.01 11.34 8.82
N ILE B 107 2.87 10.65 8.07
CA ILE B 107 2.56 9.33 7.55
C ILE B 107 3.32 8.30 8.40
N ALA B 108 2.58 7.45 9.10
CA ALA B 108 3.18 6.42 9.93
C ALA B 108 2.96 5.06 9.31
N ALA B 109 3.96 4.20 9.38
CA ALA B 109 3.90 2.83 8.91
C ALA B 109 4.44 1.90 9.96
N LEU B 110 3.76 0.78 10.14
CA LEU B 110 4.09 -0.23 11.12
C LEU B 110 4.32 -1.52 10.34
N LEU B 111 5.55 -2.04 10.40
CA LEU B 111 6.00 -3.11 9.50
C LEU B 111 6.09 -4.46 10.19
N SER B 112 5.61 -5.48 9.51
CA SER B 112 5.86 -6.88 9.82
C SER B 112 6.23 -7.58 8.51
N PRO B 113 6.76 -8.82 8.59
CA PRO B 113 7.22 -9.43 7.37
C PRO B 113 6.16 -9.67 6.30
N TYR B 114 4.92 -10.03 6.69
CA TYR B 114 3.82 -10.33 5.79
C TYR B 114 2.69 -9.35 5.92
N SER B 115 2.86 -8.27 6.65
CA SER B 115 1.77 -7.33 6.86
CA SER B 115 1.77 -7.31 6.88
C SER B 115 2.30 -5.93 7.05
N TYR B 116 1.58 -4.87 6.72
N TYR B 116 1.30 -5.04 7.03
CA TYR B 116 1.89 -3.57 7.30
CA TYR B 116 1.51 -3.63 6.88
C TYR B 116 0.57 -2.83 7.48
C TYR B 116 0.35 -2.84 7.48
N SER B 117 0.64 -1.81 8.29
CA SER B 117 -0.43 -0.89 8.49
CA SER B 117 -0.39 -0.90 8.68
C SER B 117 0.12 0.52 8.44
N THR B 118 -0.73 1.42 7.99
CA THR B 118 -0.36 2.80 7.83
C THR B 118 -1.49 3.72 8.21
N THR B 119 -1.17 4.86 8.77
CA THR B 119 -2.15 5.89 9.08
C THR B 119 -1.58 7.24 8.77
N ALA B 120 -2.52 8.21 8.67
CA ALA B 120 -2.19 9.62 8.48
C ALA B 120 -2.64 10.38 9.71
N VAL B 121 -1.79 11.25 10.19
CA VAL B 121 -2.09 12.17 11.27
C VAL B 121 -1.88 13.57 10.73
N ILE B 122 -2.98 14.32 10.64
CA ILE B 122 -2.94 15.61 9.95
C ILE B 122 -3.37 16.64 10.94
N THR B 123 -2.45 17.56 11.27
CA THR B 123 -2.68 18.53 12.31
C THR B 123 -2.32 19.94 11.89
N ASN B 124 -2.82 20.93 12.63
CA ASN B 124 -2.42 22.33 12.40
C ASN B 124 -1.40 22.80 13.40
OAC 16V C . -11.94 -14.26 6.71
CAO 16V C . -10.98 -14.90 6.23
OAD 16V C . -11.19 -16.07 5.81
CAS 16V C . -9.70 -14.33 6.19
CAH 16V C . -9.51 -13.08 6.77
CAG 16V C . -8.59 -14.95 5.59
CAF 16V C . -7.34 -14.34 5.56
CAR 16V C . -7.20 -13.06 6.12
FAE 16V C . -5.96 -12.50 6.09
CAT 16V C . -8.28 -12.44 6.74
OAN 16V C . -8.05 -11.21 7.28
CAJ 16V C . -8.76 -11.05 8.52
CAI 16V C . -8.10 -10.10 9.49
CAK 16V C . -8.12 -8.68 8.96
CAU 16V C . -7.06 -7.65 9.61
CAP 16V C . -6.18 -6.93 8.86
CAA 16V C . -6.02 -6.90 7.33
NAL 16V C . -5.43 -6.17 9.67
NAM 16V C . -5.82 -6.41 10.94
CAQ 16V C . -6.82 -7.32 10.91
CAB 16V C . -7.50 -7.82 12.19
OAC 16V D . 4.83 10.75 17.40
CAO 16V D . 4.64 9.55 17.07
OAD 16V D . 5.38 8.66 17.57
CAS 16V D . 3.69 9.22 16.10
CAH 16V D . 3.39 7.88 15.88
CAG 16V D . 3.07 10.21 15.34
CAF 16V D . 2.14 9.89 14.37
CAR 16V D . 1.86 8.56 14.13
FAE 16V D . 0.95 8.21 13.23
CAT 16V D . 2.46 7.57 14.91
OAN 16V D . 2.09 6.29 14.61
CAJ 16V D . 2.59 5.22 15.41
CAI 16V D . 2.03 3.85 15.01
CAK 16V D . 0.53 3.96 14.73
CAU 16V D . -0.03 2.58 14.24
CAP 16V D . -0.53 1.60 15.02
CAA 16V D . -0.71 1.61 16.55
NAL 16V D . -0.93 0.59 14.25
NAM 16V D . -0.64 0.91 12.97
CAQ 16V D . -0.12 2.13 12.96
CAB 16V D . 0.35 2.82 11.67
#